data_5J3B
#
_entry.id   5J3B
#
_cell.length_a   130.760
_cell.length_b   52.230
_cell.length_c   90.170
_cell.angle_alpha   90.000
_cell.angle_beta   130.620
_cell.angle_gamma   90.000
#
_symmetry.space_group_name_H-M   'C 1 2 1'
#
loop_
_entity.id
_entity.type
_entity.pdbx_description
1 polymer 'Elongation factor P'
2 non-polymer 'CHLORIDE ION'
3 non-polymer 'POTASSIUM ION'
4 water water
#
_entity_poly.entity_id   1
_entity_poly.type   'polypeptide(L)'
_entity_poly.pdbx_seq_one_letter_code
;MAHHHHHHMANYSTNDFKPGLKVMLDSNPCSIMENEYVKPGKGQAFNRVKLRNLKTGKVLEKTFKSGDTLEAADIVEVEM
NYLYNDGEMWHFMDPESFEQIAADKTAMGDAAKWLKDDSNETCTIMLFNGVPLNVNAPNFVVLKVVETDPGVRGDTSGGG
GKPAKLETGAVVRVPLFVQQEESVRVDTRTGEYLERA
;
_entity_poly.pdbx_strand_id   A,B
#
# COMPACT_ATOMS: atom_id res chain seq x y z
N ALA A 10 -34.26 21.39 22.28
CA ALA A 10 -32.88 21.80 22.17
C ALA A 10 -32.59 23.02 23.04
N ASN A 11 -32.61 22.92 24.37
CA ASN A 11 -32.68 21.71 25.25
C ASN A 11 -33.73 20.61 25.08
N TYR A 12 -33.34 19.37 25.37
CA TYR A 12 -34.22 18.20 25.27
C TYR A 12 -34.48 17.62 26.65
N SER A 13 -35.70 17.13 26.84
CA SER A 13 -36.15 16.40 28.02
C SER A 13 -36.34 14.95 27.66
N THR A 14 -36.55 14.10 28.68
CA THR A 14 -36.71 12.66 28.43
C THR A 14 -37.85 12.38 27.45
N ASN A 15 -38.88 13.22 27.46
CA ASN A 15 -39.98 13.05 26.54
C ASN A 15 -39.53 13.16 25.09
N ASP A 16 -38.54 14.03 24.83
CA ASP A 16 -38.06 14.23 23.46
C ASP A 16 -37.30 13.01 22.93
N PHE A 17 -36.72 12.18 23.80
CA PHE A 17 -35.78 11.13 23.37
C PHE A 17 -36.38 10.24 22.30
N LYS A 18 -35.63 10.07 21.21
CA LYS A 18 -36.04 9.22 20.09
C LYS A 18 -34.80 8.58 19.51
N PRO A 19 -34.95 7.53 18.71
CA PRO A 19 -33.77 6.97 18.04
C PRO A 19 -33.20 7.99 17.06
N GLY A 20 -31.88 8.07 17.02
CA GLY A 20 -31.17 9.01 16.17
C GLY A 20 -31.17 10.44 16.64
N LEU A 21 -31.46 10.70 17.92
CA LEU A 21 -31.44 12.05 18.44
C LEU A 21 -30.02 12.44 18.83
N LYS A 22 -29.57 13.63 18.42
CA LYS A 22 -28.20 14.09 18.64
C LYS A 22 -28.14 14.97 19.88
N VAL A 23 -27.50 14.45 20.95
CA VAL A 23 -27.46 15.10 22.25
C VAL A 23 -26.02 15.18 22.74
N MET A 24 -25.79 16.12 23.65
CA MET A 24 -24.51 16.24 24.36
C MET A 24 -24.58 15.47 25.67
N LEU A 25 -23.52 14.70 25.96
CA LEU A 25 -23.45 13.93 27.19
C LEU A 25 -22.00 13.86 27.65
N ASP A 26 -21.72 14.39 28.85
CA ASP A 26 -20.35 14.45 29.36
C ASP A 26 -19.41 15.11 28.35
N SER A 27 -19.90 16.20 27.74
CA SER A 27 -19.16 17.04 26.79
C SER A 27 -18.78 16.31 25.50
N ASN A 28 -19.58 15.32 25.12
CA ASN A 28 -19.39 14.60 23.87
C ASN A 28 -20.69 14.54 23.07
N PRO A 29 -20.65 14.77 21.77
CA PRO A 29 -21.87 14.60 20.96
C PRO A 29 -22.23 13.12 20.82
N CYS A 30 -23.49 12.79 21.12
CA CYS A 30 -23.98 11.42 21.07
C CYS A 30 -25.22 11.30 20.22
N SER A 31 -25.45 10.10 19.71
CA SER A 31 -26.68 9.78 19.00
C SER A 31 -27.42 8.70 19.77
N ILE A 32 -28.71 8.92 20.00
CA ILE A 32 -29.49 7.96 20.76
C ILE A 32 -29.76 6.77 19.86
N MET A 33 -29.31 5.61 20.29
CA MET A 33 -29.58 4.39 19.54
C MET A 33 -30.94 3.81 19.94
N GLU A 34 -31.11 3.48 21.23
CA GLU A 34 -32.33 2.89 21.75
C GLU A 34 -32.92 3.79 22.83
N ASN A 35 -34.24 3.93 22.85
CA ASN A 35 -34.94 4.60 23.93
C ASN A 35 -36.03 3.67 24.41
N GLU A 36 -36.07 3.36 25.70
CA GLU A 36 -37.15 2.53 26.21
C GLU A 36 -37.83 3.24 27.38
N TYR A 37 -39.17 3.24 27.33
CA TYR A 37 -40.01 3.84 28.37
C TYR A 37 -40.23 2.84 29.49
N VAL A 38 -40.09 3.32 30.73
CA VAL A 38 -40.33 2.53 31.93
C VAL A 38 -41.35 3.28 32.79
N LYS A 39 -42.51 2.66 33.02
CA LYS A 39 -43.49 3.20 33.95
C LYS A 39 -43.50 2.33 35.19
N PRO A 40 -42.85 2.76 36.28
CA PRO A 40 -42.83 1.92 37.48
C PRO A 40 -44.10 2.11 38.29
N GLY A 41 -44.42 1.08 39.06
CA GLY A 41 -45.59 1.11 39.90
C GLY A 41 -45.23 1.09 41.37
N LYS A 42 -45.39 2.22 42.06
CA LYS A 42 -45.72 3.48 41.40
C LYS A 42 -44.45 4.32 41.38
N GLY A 43 -44.57 5.57 40.90
CA GLY A 43 -43.42 6.45 40.91
C GLY A 43 -43.16 7.14 39.59
N GLN A 44 -42.09 7.92 39.52
CA GLN A 44 -41.83 8.65 38.30
C GLN A 44 -41.39 7.68 37.21
N ALA A 45 -41.92 7.90 36.01
CA ALA A 45 -41.50 7.14 34.86
C ALA A 45 -40.11 7.62 34.47
N PHE A 46 -39.34 6.73 33.86
CA PHE A 46 -37.99 7.07 33.45
C PHE A 46 -37.64 6.36 32.15
N ASN A 47 -36.57 6.83 31.51
CA ASN A 47 -36.12 6.31 30.24
C ASN A 47 -34.73 5.69 30.38
N ARG A 48 -34.58 4.50 29.81
CA ARG A 48 -33.30 3.85 29.66
C ARG A 48 -32.89 4.01 28.20
N VAL A 49 -31.76 4.65 27.97
CA VAL A 49 -31.40 5.05 26.62
C VAL A 49 -30.02 4.48 26.30
N LYS A 50 -29.91 3.96 25.09
CA LYS A 50 -28.65 3.53 24.51
C LYS A 50 -28.16 4.65 23.59
N LEU A 51 -26.91 5.06 23.78
CA LEU A 51 -26.35 6.18 23.04
C LEU A 51 -25.06 5.76 22.37
N ARG A 52 -24.86 6.22 21.14
CA ARG A 52 -23.57 6.08 20.50
C ARG A 52 -22.81 7.39 20.64
N ASN A 53 -21.63 7.34 21.26
CA ASN A 53 -20.71 8.48 21.26
C ASN A 53 -20.17 8.70 19.85
N LEU A 54 -20.44 9.88 19.29
CA LEU A 54 -20.08 10.14 17.89
C LEU A 54 -18.58 10.41 17.67
N LYS A 55 -17.87 10.94 18.68
CA LYS A 55 -16.43 11.13 18.56
C LYS A 55 -15.69 9.81 18.67
N THR A 56 -16.17 8.91 19.52
CA THR A 56 -15.51 7.66 19.88
C THR A 56 -16.06 6.44 19.15
N GLY A 57 -17.34 6.46 18.76
CA GLY A 57 -18.02 5.27 18.30
C GLY A 57 -18.45 4.32 19.39
N LYS A 58 -18.06 4.55 20.64
CA LYS A 58 -18.46 3.70 21.74
C LYS A 58 -19.97 3.83 22.02
N VAL A 59 -20.52 2.79 22.62
CA VAL A 59 -21.93 2.73 22.97
C VAL A 59 -22.04 2.90 24.47
N LEU A 60 -22.98 3.75 24.90
CA LEU A 60 -23.25 4.08 26.31
C LEU A 60 -24.69 3.72 26.69
N GLU A 61 -24.87 3.17 27.89
CA GLU A 61 -26.18 2.88 28.45
C GLU A 61 -26.42 3.79 29.65
N LYS A 62 -27.48 4.62 29.58
CA LYS A 62 -27.76 5.56 30.67
C LYS A 62 -29.24 5.58 30.99
N THR A 63 -29.55 5.87 32.25
CA THR A 63 -30.91 6.00 32.73
C THR A 63 -31.19 7.46 33.03
N PHE A 64 -32.32 7.96 32.56
CA PHE A 64 -32.71 9.35 32.76
C PHE A 64 -34.06 9.37 33.47
N LYS A 65 -34.09 9.99 34.64
CA LYS A 65 -35.35 10.21 35.35
C LYS A 65 -36.12 11.32 34.67
N SER A 66 -37.43 11.18 34.59
CA SER A 66 -38.24 12.23 33.99
C SER A 66 -38.01 13.53 34.74
N GLY A 67 -37.92 14.62 33.98
CA GLY A 67 -37.36 15.85 34.46
C GLY A 67 -35.88 16.01 34.16
N ASP A 68 -35.24 14.99 33.60
CA ASP A 68 -33.85 15.15 33.20
C ASP A 68 -33.75 15.83 31.85
N THR A 69 -32.65 16.52 31.65
CA THR A 69 -32.48 17.39 30.51
C THR A 69 -31.17 17.05 29.81
N LEU A 70 -31.16 17.20 28.49
CA LEU A 70 -29.95 17.05 27.70
C LEU A 70 -29.85 18.19 26.71
N GLU A 71 -28.68 18.81 26.61
CA GLU A 71 -28.47 19.84 25.61
C GLU A 71 -28.32 19.19 24.23
N ALA A 72 -28.88 19.84 23.21
CA ALA A 72 -28.76 19.31 21.86
C ALA A 72 -27.34 19.48 21.34
N ALA A 73 -26.92 18.59 20.46
CA ALA A 73 -25.62 18.68 19.81
C ALA A 73 -25.81 19.16 18.39
N ASP A 74 -24.96 20.11 17.97
CA ASP A 74 -25.02 20.64 16.61
C ASP A 74 -24.34 19.64 15.67
N ILE A 75 -25.11 18.61 15.30
CA ILE A 75 -24.68 17.52 14.42
C ILE A 75 -25.58 17.51 13.20
N VAL A 76 -24.99 17.63 12.03
CA VAL A 76 -25.74 17.59 10.77
C VAL A 76 -24.93 16.75 9.80
N GLU A 77 -25.64 16.05 8.92
CA GLU A 77 -25.02 15.25 7.89
C GLU A 77 -25.33 15.90 6.53
N VAL A 78 -24.30 16.00 5.70
CA VAL A 78 -24.41 16.63 4.39
C VAL A 78 -23.78 15.72 3.34
N GLU A 79 -24.32 15.78 2.12
CA GLU A 79 -23.76 15.09 0.98
C GLU A 79 -22.87 16.09 0.25
N MET A 80 -21.62 15.71 -0.03
CA MET A 80 -20.75 16.62 -0.75
C MET A 80 -19.83 15.84 -1.68
N ASN A 81 -19.40 16.50 -2.75
CA ASN A 81 -18.52 15.92 -3.76
C ASN A 81 -17.05 16.14 -3.40
N TYR A 82 -16.27 15.07 -3.50
CA TYR A 82 -14.85 15.14 -3.19
C TYR A 82 -14.09 15.84 -4.31
N LEU A 83 -13.18 16.76 -3.95
CA LEU A 83 -12.37 17.50 -4.90
C LEU A 83 -10.94 16.98 -4.94
N TYR A 84 -10.22 17.13 -3.85
CA TYR A 84 -8.81 16.78 -3.80
C TYR A 84 -8.37 16.78 -2.35
N ASN A 85 -7.18 16.24 -2.11
CA ASN A 85 -6.52 16.37 -0.83
C ASN A 85 -5.06 16.78 -1.06
N ASP A 86 -4.46 17.34 -0.03
CA ASP A 86 -3.06 17.76 -0.07
C ASP A 86 -2.20 16.95 0.91
N GLY A 87 -2.64 15.73 1.26
CA GLY A 87 -1.94 14.91 2.23
C GLY A 87 -2.33 15.15 3.68
N GLU A 88 -2.87 16.32 4.02
CA GLU A 88 -3.37 16.60 5.37
C GLU A 88 -4.85 16.97 5.41
N MET A 89 -5.36 17.70 4.42
CA MET A 89 -6.76 18.09 4.36
C MET A 89 -7.44 17.59 3.09
N TRP A 90 -8.64 17.04 3.26
CA TRP A 90 -9.48 16.59 2.16
C TRP A 90 -10.54 17.66 1.92
N HIS A 91 -10.70 18.06 0.66
CA HIS A 91 -11.56 19.20 0.30
C HIS A 91 -12.77 18.72 -0.47
N PHE A 92 -13.94 19.21 -0.06
CA PHE A 92 -15.22 18.85 -0.64
C PHE A 92 -16.00 20.10 -0.99
N MET A 93 -16.88 19.97 -1.98
CA MET A 93 -17.70 21.06 -2.46
C MET A 93 -19.16 20.61 -2.45
N ASP A 94 -20.05 21.50 -2.04
CA ASP A 94 -21.48 21.20 -2.09
C ASP A 94 -22.00 21.45 -3.51
N PRO A 95 -22.60 20.47 -4.16
CA PRO A 95 -22.95 20.65 -5.59
C PRO A 95 -24.12 21.62 -5.81
N GLU A 96 -24.94 21.88 -4.79
CA GLU A 96 -25.97 22.91 -4.90
C GLU A 96 -25.46 24.26 -4.39
N SER A 97 -24.97 24.29 -3.14
CA SER A 97 -24.50 25.52 -2.51
C SER A 97 -23.21 26.06 -3.13
N PHE A 98 -22.32 25.17 -3.58
CA PHE A 98 -20.97 25.49 -4.06
C PHE A 98 -20.08 26.00 -2.94
N GLU A 99 -20.53 25.92 -1.69
CA GLU A 99 -19.66 26.13 -0.56
C GLU A 99 -18.67 24.97 -0.44
N GLN A 100 -17.48 25.28 0.09
CA GLN A 100 -16.44 24.29 0.27
C GLN A 100 -16.21 24.07 1.74
N ILE A 101 -15.77 22.85 2.07
CA ILE A 101 -15.38 22.49 3.42
C ILE A 101 -14.19 21.55 3.33
N ALA A 102 -13.34 21.62 4.34
CA ALA A 102 -12.14 20.81 4.43
C ALA A 102 -12.22 19.90 5.65
N ALA A 103 -11.81 18.64 5.48
CA ALA A 103 -11.77 17.70 6.59
C ALA A 103 -10.33 17.21 6.79
N ASP A 104 -9.91 17.08 8.05
CA ASP A 104 -8.56 16.64 8.32
C ASP A 104 -8.48 15.12 8.34
N LYS A 105 -7.26 14.63 8.56
CA LYS A 105 -7.00 13.20 8.46
C LYS A 105 -7.90 12.43 9.43
N THR A 106 -8.05 12.95 10.65
CA THR A 106 -8.84 12.26 11.67
C THR A 106 -10.30 12.21 11.29
N ALA A 107 -10.84 13.31 10.77
CA ALA A 107 -12.24 13.33 10.36
C ALA A 107 -12.47 12.37 9.19
N MET A 108 -11.53 12.31 8.24
CA MET A 108 -11.64 11.39 7.11
C MET A 108 -11.66 9.95 7.57
N GLY A 109 -10.78 9.61 8.52
CA GLY A 109 -10.66 8.24 8.95
C GLY A 109 -10.41 7.29 7.79
N ASP A 110 -11.23 6.23 7.74
CA ASP A 110 -11.11 5.15 6.77
C ASP A 110 -11.51 5.60 5.35
N ALA A 111 -12.27 6.69 5.21
CA ALA A 111 -12.76 7.08 3.90
C ALA A 111 -11.64 7.51 2.96
N ALA A 112 -10.50 7.99 3.50
CA ALA A 112 -9.45 8.54 2.64
C ALA A 112 -8.90 7.52 1.63
N LYS A 113 -8.79 6.28 2.04
CA LYS A 113 -8.19 5.30 1.15
C LYS A 113 -9.12 4.86 0.01
N TRP A 114 -10.38 5.32 -0.02
CA TRP A 114 -11.30 4.90 -1.06
C TRP A 114 -11.59 6.01 -2.07
N LEU A 115 -10.95 7.17 -1.94
CA LEU A 115 -11.28 8.35 -2.75
C LEU A 115 -10.15 8.61 -3.76
N LYS A 116 -10.43 8.32 -5.03
CA LYS A 116 -9.50 8.50 -6.14
C LYS A 116 -9.33 9.98 -6.49
N ASP A 117 -8.13 10.34 -6.97
CA ASP A 117 -7.94 11.70 -7.47
C ASP A 117 -8.93 11.99 -8.61
N ASP A 118 -9.59 13.14 -8.55
CA ASP A 118 -10.54 13.57 -9.59
C ASP A 118 -11.80 12.68 -9.69
N SER A 119 -12.08 11.87 -8.67
CA SER A 119 -13.23 10.96 -8.76
C SER A 119 -14.56 11.72 -8.71
N ASN A 120 -14.62 12.78 -7.91
CA ASN A 120 -15.84 13.55 -7.67
C ASN A 120 -16.90 12.69 -6.94
N GLU A 121 -16.47 11.76 -6.11
CA GLU A 121 -17.39 10.87 -5.42
C GLU A 121 -18.26 11.68 -4.45
N THR A 122 -19.54 11.35 -4.39
CA THR A 122 -20.39 11.91 -3.35
C THR A 122 -20.12 11.22 -2.03
N CYS A 123 -19.81 12.00 -1.01
CA CYS A 123 -19.50 11.51 0.32
C CYS A 123 -20.49 12.05 1.31
N THR A 124 -20.66 11.32 2.39
CA THR A 124 -21.51 11.75 3.49
C THR A 124 -20.60 12.32 4.58
N ILE A 125 -20.84 13.58 4.94
CA ILE A 125 -19.98 14.28 5.90
C ILE A 125 -20.79 14.65 7.13
N MET A 126 -20.35 14.17 8.27
CA MET A 126 -20.96 14.52 9.54
C MET A 126 -20.22 15.70 10.14
N LEU A 127 -20.93 16.81 10.30
CA LEU A 127 -20.39 18.06 10.83
C LEU A 127 -20.79 18.23 12.29
N PHE A 128 -19.83 18.60 13.13
CA PHE A 128 -20.06 18.91 14.54
C PHE A 128 -19.70 20.37 14.74
N ASN A 129 -20.70 21.20 15.05
CA ASN A 129 -20.52 22.65 15.18
C ASN A 129 -19.86 23.22 13.92
N GLY A 130 -20.31 22.75 12.76
CA GLY A 130 -19.77 23.17 11.49
C GLY A 130 -18.46 22.51 11.06
N VAL A 131 -17.78 21.80 11.94
CA VAL A 131 -16.47 21.18 11.65
C VAL A 131 -16.69 19.72 11.29
N PRO A 132 -16.08 19.21 10.21
CA PRO A 132 -16.25 17.78 9.89
C PRO A 132 -15.73 16.93 11.05
N LEU A 133 -16.58 16.00 11.48
CA LEU A 133 -16.25 15.05 12.53
C LEU A 133 -15.98 13.66 11.98
N ASN A 134 -16.81 13.22 11.04
CA ASN A 134 -16.65 11.93 10.38
C ASN A 134 -16.98 12.14 8.91
N VAL A 135 -16.40 11.29 8.09
CA VAL A 135 -16.67 11.29 6.67
C VAL A 135 -16.84 9.85 6.23
N ASN A 136 -17.84 9.62 5.38
CA ASN A 136 -18.01 8.30 4.79
C ASN A 136 -18.00 8.37 3.26
N ALA A 137 -17.19 7.50 2.66
CA ALA A 137 -17.12 7.31 1.24
C ALA A 137 -18.38 6.55 0.77
N PRO A 138 -18.64 6.50 -0.54
CA PRO A 138 -19.75 5.66 -1.02
C PRO A 138 -19.50 4.19 -0.67
N ASN A 139 -20.59 3.43 -0.62
CA ASN A 139 -20.49 1.99 -0.33
C ASN A 139 -19.58 1.28 -1.33
N PHE A 140 -19.62 1.68 -2.60
CA PHE A 140 -18.82 1.00 -3.62
C PHE A 140 -18.06 2.03 -4.45
N VAL A 141 -16.77 1.78 -4.69
CA VAL A 141 -15.96 2.62 -5.55
C VAL A 141 -15.20 1.75 -6.54
N VAL A 142 -14.78 2.37 -7.64
CA VAL A 142 -13.98 1.73 -8.68
C VAL A 142 -12.59 2.36 -8.64
N LEU A 143 -11.60 1.52 -8.37
CA LEU A 143 -10.21 1.95 -8.24
C LEU A 143 -9.33 1.07 -9.10
N LYS A 144 -8.23 1.66 -9.55
CA LYS A 144 -7.29 0.96 -10.42
C LYS A 144 -6.26 0.23 -9.55
N VAL A 145 -5.92 -0.99 -9.97
CA VAL A 145 -4.82 -1.74 -9.36
C VAL A 145 -3.50 -1.17 -9.85
N VAL A 146 -2.63 -0.80 -8.94
CA VAL A 146 -1.34 -0.22 -9.27
C VAL A 146 -0.18 -1.19 -9.06
N GLU A 147 -0.26 -2.06 -8.07
CA GLU A 147 0.84 -2.94 -7.70
C GLU A 147 0.25 -4.31 -7.41
N THR A 148 0.69 -5.32 -8.15
CA THR A 148 0.28 -6.70 -7.91
C THR A 148 1.17 -7.60 -8.77
N ASP A 149 1.45 -8.75 -8.27
CA ASP A 149 2.28 -9.64 -9.08
C ASP A 149 1.40 -10.66 -9.81
N PRO A 150 1.92 -11.30 -10.86
CA PRO A 150 1.21 -12.34 -11.62
C PRO A 150 0.62 -13.47 -10.77
N GLY A 161 -6.58 -15.97 -3.60
CA GLY A 161 -6.38 -14.61 -4.10
C GLY A 161 -4.97 -14.10 -3.92
N LYS A 162 -4.78 -12.79 -4.08
CA LYS A 162 -3.45 -12.22 -3.97
C LYS A 162 -3.58 -10.77 -3.52
N PRO A 163 -2.55 -10.22 -2.87
CA PRO A 163 -2.65 -8.82 -2.45
C PRO A 163 -2.53 -7.89 -3.64
N ALA A 164 -3.26 -6.78 -3.58
CA ALA A 164 -3.22 -5.76 -4.63
C ALA A 164 -3.26 -4.39 -3.97
N LYS A 165 -2.37 -3.50 -4.43
CA LYS A 165 -2.38 -2.11 -3.98
C LYS A 165 -3.15 -1.29 -4.99
N LEU A 166 -4.20 -0.63 -4.53
CA LEU A 166 -4.97 0.24 -5.39
C LEU A 166 -4.30 1.61 -5.50
N GLU A 167 -4.78 2.42 -6.46
CA GLU A 167 -4.14 3.69 -6.77
C GLU A 167 -4.20 4.68 -5.62
N THR A 168 -5.13 4.49 -4.67
CA THR A 168 -5.15 5.37 -3.50
C THR A 168 -4.18 4.91 -2.42
N GLY A 169 -3.46 3.79 -2.62
CA GLY A 169 -2.68 3.16 -1.58
C GLY A 169 -3.42 2.10 -0.76
N ALA A 170 -4.74 2.06 -0.84
CA ALA A 170 -5.47 1.00 -0.16
C ALA A 170 -4.99 -0.36 -0.67
N VAL A 171 -4.96 -1.33 0.22
CA VAL A 171 -4.55 -2.68 -0.12
C VAL A 171 -5.75 -3.61 0.07
N VAL A 172 -6.00 -4.45 -0.94
CA VAL A 172 -7.08 -5.44 -0.88
C VAL A 172 -6.62 -6.75 -1.51
N ARG A 173 -7.32 -7.82 -1.15
CA ARG A 173 -7.14 -9.10 -1.83
C ARG A 173 -7.97 -9.11 -3.10
N VAL A 174 -7.37 -9.50 -4.22
CA VAL A 174 -8.08 -9.64 -5.49
C VAL A 174 -7.86 -11.06 -6.01
N PRO A 175 -8.75 -11.52 -6.90
CA PRO A 175 -8.52 -12.84 -7.54
C PRO A 175 -7.20 -12.85 -8.29
N LEU A 176 -6.68 -14.06 -8.46
CA LEU A 176 -5.41 -14.24 -9.15
C LEU A 176 -5.42 -13.68 -10.56
N PHE A 177 -6.59 -13.63 -11.21
CA PHE A 177 -6.61 -13.20 -12.61
C PHE A 177 -6.44 -11.69 -12.77
N VAL A 178 -6.75 -10.90 -11.74
CA VAL A 178 -6.64 -9.45 -11.85
C VAL A 178 -5.18 -9.06 -12.06
N GLN A 179 -4.94 -8.12 -12.97
CA GLN A 179 -3.60 -7.67 -13.30
C GLN A 179 -3.45 -6.17 -13.06
N GLN A 180 -2.20 -5.70 -13.03
CA GLN A 180 -1.98 -4.27 -12.87
C GLN A 180 -2.66 -3.50 -14.00
N GLU A 181 -3.09 -2.28 -13.66
CA GLU A 181 -3.74 -1.32 -14.56
C GLU A 181 -5.19 -1.71 -14.85
N GLU A 182 -5.59 -2.91 -14.45
CA GLU A 182 -7.00 -3.28 -14.40
C GLU A 182 -7.68 -2.57 -13.22
N SER A 183 -9.00 -2.41 -13.32
CA SER A 183 -9.79 -1.71 -12.30
C SER A 183 -10.74 -2.69 -11.64
N VAL A 184 -10.97 -2.50 -10.33
CA VAL A 184 -11.87 -3.36 -9.58
C VAL A 184 -12.88 -2.51 -8.82
N ARG A 185 -14.03 -3.09 -8.55
CA ARG A 185 -15.04 -2.48 -7.70
C ARG A 185 -14.88 -3.02 -6.29
N VAL A 186 -14.82 -2.11 -5.31
CA VAL A 186 -14.54 -2.45 -3.93
C VAL A 186 -15.71 -1.98 -3.08
N ASP A 187 -16.05 -2.79 -2.08
CA ASP A 187 -17.03 -2.44 -1.04
C ASP A 187 -16.26 -1.73 0.07
N THR A 188 -16.51 -0.43 0.25
CA THR A 188 -15.73 0.35 1.21
C THR A 188 -16.10 0.04 2.65
N ARG A 189 -17.32 -0.45 2.89
CA ARG A 189 -17.69 -0.81 4.26
C ARG A 189 -16.82 -1.95 4.76
N THR A 190 -16.65 -2.99 3.94
CA THR A 190 -15.85 -4.15 4.33
C THR A 190 -14.42 -4.10 3.81
N GLY A 191 -14.10 -3.16 2.92
CA GLY A 191 -12.79 -3.15 2.31
C GLY A 191 -12.52 -4.37 1.46
N GLU A 192 -13.55 -4.91 0.82
CA GLU A 192 -13.42 -6.16 0.09
C GLU A 192 -13.70 -5.95 -1.39
N TYR A 193 -12.88 -6.62 -2.20
CA TYR A 193 -13.16 -6.74 -3.61
C TYR A 193 -14.57 -7.27 -3.80
N LEU A 194 -15.26 -6.71 -4.78
CA LEU A 194 -16.57 -7.23 -5.14
C LEU A 194 -16.54 -7.87 -6.51
N GLU A 195 -16.04 -7.16 -7.52
CA GLU A 195 -16.10 -7.68 -8.88
C GLU A 195 -15.12 -6.89 -9.74
N ARG A 196 -14.87 -7.40 -10.94
CA ARG A 196 -14.06 -6.65 -11.89
C ARG A 196 -14.81 -5.39 -12.32
N ALA A 197 -14.05 -4.37 -12.69
CA ALA A 197 -14.66 -3.13 -13.14
C ALA A 197 -14.39 -2.86 -14.60
N ASN B 11 39.45 -9.54 -24.08
CA ASN B 11 38.59 -9.71 -25.25
C ASN B 11 38.28 -11.20 -25.43
N TYR B 12 37.05 -11.52 -25.84
CA TYR B 12 36.56 -12.89 -25.85
C TYR B 12 36.23 -13.38 -27.26
N SER B 13 36.51 -14.65 -27.52
CA SER B 13 36.11 -15.33 -28.74
C SER B 13 35.08 -16.40 -28.42
N THR B 14 34.48 -16.98 -29.47
CA THR B 14 33.45 -17.99 -29.23
C THR B 14 33.95 -19.14 -28.36
N ASN B 15 35.24 -19.48 -28.45
CA ASN B 15 35.80 -20.51 -27.56
C ASN B 15 35.78 -20.06 -26.10
N ASP B 16 35.99 -18.76 -25.86
CA ASP B 16 36.09 -18.25 -24.49
C ASP B 16 34.78 -18.34 -23.71
N PHE B 17 33.64 -18.36 -24.40
CA PHE B 17 32.34 -18.19 -23.77
C PHE B 17 32.12 -19.19 -22.64
N LYS B 18 31.67 -18.67 -21.49
CA LYS B 18 31.38 -19.42 -20.27
C LYS B 18 30.11 -18.83 -19.68
N PRO B 19 29.44 -19.55 -18.78
CA PRO B 19 28.26 -18.97 -18.13
C PRO B 19 28.63 -17.82 -17.21
N GLY B 20 27.77 -16.79 -17.20
CA GLY B 20 28.00 -15.60 -16.41
C GLY B 20 29.06 -14.67 -16.95
N LEU B 21 29.39 -14.79 -18.23
CA LEU B 21 30.40 -13.93 -18.83
C LEU B 21 29.77 -12.61 -19.25
N LYS B 22 30.40 -11.51 -18.86
CA LYS B 22 29.86 -10.17 -19.09
C LYS B 22 30.46 -9.60 -20.37
N VAL B 23 29.63 -9.47 -21.40
CA VAL B 23 30.06 -9.03 -22.73
C VAL B 23 29.16 -7.89 -23.20
N MET B 24 29.66 -7.16 -24.20
CA MET B 24 28.90 -6.12 -24.89
C MET B 24 28.31 -6.69 -26.18
N LEU B 25 27.01 -6.45 -26.40
CA LEU B 25 26.31 -6.95 -27.58
C LEU B 25 25.30 -5.90 -28.00
N ASP B 26 25.45 -5.38 -29.22
CA ASP B 26 24.67 -4.24 -29.68
C ASP B 26 24.80 -3.09 -28.66
N SER B 27 26.02 -2.92 -28.14
CA SER B 27 26.39 -1.84 -27.21
C SER B 27 25.57 -1.88 -25.91
N ASN B 28 25.18 -3.06 -25.47
CA ASN B 28 24.47 -3.27 -24.22
C ASN B 28 25.21 -4.30 -23.38
N PRO B 29 25.35 -4.06 -22.08
CA PRO B 29 25.99 -5.07 -21.22
C PRO B 29 25.07 -6.27 -21.11
N CYS B 30 25.62 -7.45 -21.39
CA CYS B 30 24.90 -8.69 -21.31
C CYS B 30 25.69 -9.68 -20.48
N SER B 31 24.97 -10.63 -19.92
CA SER B 31 25.53 -11.78 -19.23
C SER B 31 25.12 -13.01 -20.02
N ILE B 32 26.07 -13.89 -20.28
CA ILE B 32 25.77 -15.08 -21.08
C ILE B 32 25.09 -16.12 -20.18
N MET B 33 23.88 -16.52 -20.55
CA MET B 33 23.15 -17.55 -19.81
C MET B 33 23.54 -18.95 -20.27
N GLU B 34 23.27 -19.27 -21.54
CA GLU B 34 23.58 -20.57 -22.14
C GLU B 34 24.49 -20.41 -23.35
N ASN B 35 25.43 -21.33 -23.49
CA ASN B 35 26.28 -21.46 -24.67
C ASN B 35 26.26 -22.91 -25.14
N GLU B 36 25.92 -23.13 -26.40
CA GLU B 36 25.97 -24.46 -26.98
C GLU B 36 26.71 -24.41 -28.31
N TYR B 37 27.64 -25.33 -28.50
CA TYR B 37 28.37 -25.45 -29.75
C TYR B 37 27.55 -26.32 -30.70
N VAL B 38 27.43 -25.88 -31.95
CA VAL B 38 26.67 -26.62 -32.97
C VAL B 38 27.61 -26.94 -34.13
N LYS B 39 27.84 -28.23 -34.36
CA LYS B 39 28.60 -28.68 -35.53
C LYS B 39 27.60 -29.29 -36.52
N PRO B 40 27.23 -28.56 -37.55
CA PRO B 40 26.29 -29.09 -38.53
C PRO B 40 27.01 -30.00 -39.51
N GLY B 41 26.22 -30.87 -40.17
CA GLY B 41 26.82 -31.77 -41.12
C GLY B 41 27.35 -31.03 -42.33
N LYS B 42 26.55 -30.14 -42.90
CA LYS B 42 26.97 -29.32 -44.02
C LYS B 42 27.41 -27.96 -43.51
N GLY B 43 28.67 -27.57 -43.80
CA GLY B 43 29.13 -26.22 -43.55
C GLY B 43 29.86 -26.02 -42.24
N GLN B 44 30.24 -24.77 -42.03
CA GLN B 44 31.05 -24.37 -40.87
C GLN B 44 30.25 -24.34 -39.56
N ALA B 45 30.92 -24.71 -38.48
CA ALA B 45 30.33 -24.71 -37.15
C ALA B 45 30.09 -23.30 -36.62
N PHE B 46 29.11 -23.20 -35.72
CA PHE B 46 28.72 -21.94 -35.13
C PHE B 46 28.31 -22.20 -33.68
N ASN B 47 28.20 -21.12 -32.91
CA ASN B 47 27.82 -21.19 -31.51
C ASN B 47 26.48 -20.51 -31.34
N ARG B 48 25.55 -21.21 -30.68
CA ARG B 48 24.26 -20.64 -30.31
C ARG B 48 24.31 -20.33 -28.82
N VAL B 49 24.21 -19.05 -28.49
CA VAL B 49 24.46 -18.56 -27.14
C VAL B 49 23.26 -17.74 -26.68
N LYS B 50 22.78 -18.02 -25.46
CA LYS B 50 21.68 -17.29 -24.85
C LYS B 50 22.23 -16.21 -23.93
N LEU B 51 21.74 -14.99 -24.11
CA LEU B 51 22.23 -13.85 -23.34
C LEU B 51 21.08 -13.13 -22.65
N ARG B 52 21.33 -12.72 -21.41
CA ARG B 52 20.43 -11.82 -20.68
C ARG B 52 20.98 -10.40 -20.79
N ASN B 53 20.17 -9.49 -21.33
CA ASN B 53 20.51 -8.07 -21.29
C ASN B 53 20.40 -7.60 -19.85
N LEU B 54 21.48 -7.00 -19.34
CA LEU B 54 21.50 -6.57 -17.94
C LEU B 54 20.70 -5.29 -17.72
N LYS B 55 20.55 -4.45 -18.75
CA LYS B 55 19.73 -3.25 -18.61
C LYS B 55 18.24 -3.59 -18.60
N THR B 56 17.82 -4.59 -19.39
CA THR B 56 16.42 -4.91 -19.57
C THR B 56 15.97 -6.14 -18.80
N GLY B 57 16.88 -7.08 -18.53
CA GLY B 57 16.52 -8.40 -18.04
C GLY B 57 15.98 -9.34 -19.08
N LYS B 58 15.71 -8.86 -20.29
CA LYS B 58 15.22 -9.70 -21.36
C LYS B 58 16.32 -10.68 -21.80
N VAL B 59 15.91 -11.73 -22.48
CA VAL B 59 16.82 -12.73 -22.99
C VAL B 59 17.01 -12.48 -24.48
N LEU B 60 18.26 -12.51 -24.94
CA LEU B 60 18.59 -12.24 -26.33
C LEU B 60 19.17 -13.50 -26.96
N GLU B 61 18.77 -13.76 -28.21
CA GLU B 61 19.25 -14.89 -28.97
C GLU B 61 20.07 -14.39 -30.16
N LYS B 62 21.34 -14.81 -30.22
CA LYS B 62 22.24 -14.45 -31.31
C LYS B 62 23.04 -15.68 -31.69
N THR B 63 23.43 -15.75 -32.97
CA THR B 63 24.25 -16.84 -33.49
C THR B 63 25.64 -16.32 -33.83
N PHE B 64 26.67 -17.08 -33.44
CA PHE B 64 28.06 -16.66 -33.61
C PHE B 64 28.83 -17.73 -34.38
N LYS B 65 29.44 -17.35 -35.50
CA LYS B 65 30.33 -18.27 -36.18
C LYS B 65 31.60 -18.42 -35.36
N SER B 66 32.11 -19.64 -35.30
CA SER B 66 33.32 -19.91 -34.52
C SER B 66 34.46 -19.03 -35.00
N GLY B 67 35.25 -18.51 -34.07
CA GLY B 67 36.20 -17.47 -34.36
C GLY B 67 35.70 -16.05 -34.19
N ASP B 68 34.42 -15.85 -33.87
CA ASP B 68 33.87 -14.52 -33.64
C ASP B 68 34.26 -14.00 -32.27
N THR B 69 34.15 -12.69 -32.12
CA THR B 69 34.65 -12.00 -30.95
C THR B 69 33.56 -11.14 -30.33
N LEU B 70 33.61 -11.01 -29.01
CA LEU B 70 32.73 -10.13 -28.23
C LEU B 70 33.59 -9.35 -27.25
N GLU B 71 33.35 -8.04 -27.17
CA GLU B 71 34.04 -7.20 -26.21
C GLU B 71 33.49 -7.45 -24.82
N ALA B 72 34.37 -7.40 -23.83
CA ALA B 72 33.98 -7.57 -22.43
C ALA B 72 33.21 -6.36 -21.93
N ALA B 73 32.34 -6.59 -20.96
CA ALA B 73 31.61 -5.50 -20.32
C ALA B 73 32.21 -5.23 -18.95
N ASP B 74 32.33 -3.94 -18.62
CA ASP B 74 32.84 -3.51 -17.30
C ASP B 74 31.70 -3.66 -16.29
N ILE B 75 31.51 -4.89 -15.81
CA ILE B 75 30.47 -5.22 -14.85
C ILE B 75 31.10 -5.85 -13.61
N VAL B 76 30.88 -5.23 -12.46
CA VAL B 76 31.42 -5.73 -11.20
C VAL B 76 30.30 -5.70 -10.18
N GLU B 77 30.33 -6.66 -9.25
CA GLU B 77 29.35 -6.72 -8.18
C GLU B 77 30.02 -6.39 -6.87
N VAL B 78 29.37 -5.53 -6.08
CA VAL B 78 29.92 -5.03 -4.81
C VAL B 78 28.90 -5.26 -3.70
N GLU B 79 29.41 -5.58 -2.51
CA GLU B 79 28.60 -5.61 -1.31
C GLU B 79 28.76 -4.28 -0.58
N MET B 80 27.63 -3.66 -0.26
CA MET B 80 27.63 -2.41 0.47
C MET B 80 26.42 -2.37 1.37
N ASN B 81 26.53 -1.59 2.43
CA ASN B 81 25.44 -1.41 3.38
C ASN B 81 24.54 -0.28 2.96
N TYR B 82 23.25 -0.51 3.05
CA TYR B 82 22.28 0.52 2.75
C TYR B 82 22.31 1.58 3.85
N LEU B 83 22.33 2.85 3.44
CA LEU B 83 22.37 3.90 4.45
C LEU B 83 20.99 4.52 4.59
N TYR B 84 20.53 5.17 3.53
CA TYR B 84 19.27 5.91 3.55
C TYR B 84 18.93 6.24 2.12
N ASN B 85 17.71 6.71 1.91
CA ASN B 85 17.29 7.25 0.64
C ASN B 85 16.50 8.53 0.89
N ASP B 86 16.39 9.33 -0.17
CA ASP B 86 15.62 10.56 -0.16
C ASP B 86 14.48 10.53 -1.17
N GLY B 87 13.99 9.33 -1.52
CA GLY B 87 12.91 9.19 -2.47
C GLY B 87 13.35 9.12 -3.93
N GLU B 88 14.53 9.64 -4.26
CA GLU B 88 15.05 9.54 -5.61
C GLU B 88 16.37 8.80 -5.69
N MET B 89 17.26 8.95 -4.70
CA MET B 89 18.54 8.24 -4.68
C MET B 89 18.69 7.43 -3.39
N TRP B 90 19.19 6.20 -3.53
CA TRP B 90 19.50 5.30 -2.42
C TRP B 90 21.01 5.29 -2.21
N HIS B 91 21.46 5.42 -0.96
CA HIS B 91 22.86 5.61 -0.64
C HIS B 91 23.40 4.40 0.11
N PHE B 92 24.57 3.94 -0.31
CA PHE B 92 25.22 2.78 0.26
C PHE B 92 26.65 3.11 0.61
N MET B 93 27.17 2.41 1.61
CA MET B 93 28.57 2.57 1.95
C MET B 93 29.15 1.20 2.26
N ASP B 94 30.37 0.99 1.82
CA ASP B 94 31.19 -0.13 2.27
C ASP B 94 31.65 0.11 3.70
N PRO B 95 31.37 -0.77 4.65
CA PRO B 95 31.65 -0.46 6.06
C PRO B 95 33.12 -0.56 6.42
N GLU B 96 33.93 -1.26 5.62
CA GLU B 96 35.39 -1.32 5.78
C GLU B 96 36.10 -0.28 4.90
N SER B 97 35.83 -0.28 3.60
CA SER B 97 36.49 0.66 2.70
C SER B 97 36.03 2.10 2.95
N PHE B 98 34.78 2.28 3.38
CA PHE B 98 34.11 3.57 3.48
C PHE B 98 33.82 4.17 2.12
N GLU B 99 34.02 3.41 1.03
CA GLU B 99 33.57 3.91 -0.26
C GLU B 99 32.05 3.95 -0.27
N GLN B 100 31.51 4.94 -0.97
CA GLN B 100 30.09 5.20 -1.03
C GLN B 100 29.60 5.11 -2.47
N ILE B 101 28.36 4.69 -2.67
CA ILE B 101 27.77 4.74 -3.99
C ILE B 101 26.30 5.07 -3.83
N ALA B 102 25.76 5.77 -4.83
CA ALA B 102 24.37 6.17 -4.85
C ALA B 102 23.69 5.50 -6.04
N ALA B 103 22.52 4.94 -5.82
CA ALA B 103 21.77 4.30 -6.90
C ALA B 103 20.43 5.00 -7.05
N ASP B 104 20.00 5.21 -8.27
CA ASP B 104 18.72 5.88 -8.49
C ASP B 104 17.58 4.87 -8.47
N LYS B 105 16.36 5.40 -8.62
CA LYS B 105 15.15 4.59 -8.50
C LYS B 105 15.18 3.42 -9.47
N THR B 106 15.62 3.66 -10.72
CA THR B 106 15.62 2.61 -11.74
C THR B 106 16.60 1.50 -11.39
N ALA B 107 17.79 1.84 -10.91
CA ALA B 107 18.78 0.84 -10.54
C ALA B 107 18.32 0.05 -9.31
N MET B 108 17.66 0.72 -8.36
CA MET B 108 17.15 0.01 -7.19
C MET B 108 16.12 -1.05 -7.60
N GLY B 109 15.24 -0.71 -8.55
CA GLY B 109 14.22 -1.67 -8.97
C GLY B 109 13.39 -2.19 -7.81
N ASP B 110 13.27 -3.52 -7.74
CA ASP B 110 12.45 -4.22 -6.75
C ASP B 110 13.02 -4.14 -5.34
N ALA B 111 14.32 -3.89 -5.22
CA ALA B 111 15.00 -3.96 -3.94
C ALA B 111 14.57 -2.84 -2.98
N ALA B 112 14.07 -1.71 -3.50
CA ALA B 112 13.72 -0.59 -2.60
C ALA B 112 12.65 -1.00 -1.60
N LYS B 113 11.72 -1.84 -2.01
CA LYS B 113 10.61 -2.09 -1.09
C LYS B 113 11.01 -2.99 0.09
N TRP B 114 12.24 -3.51 0.12
CA TRP B 114 12.72 -4.40 1.17
C TRP B 114 13.74 -3.76 2.10
N LEU B 115 14.07 -2.47 1.92
CA LEU B 115 15.15 -1.82 2.68
C LEU B 115 14.52 -0.87 3.70
N LYS B 116 14.52 -1.27 4.95
CA LYS B 116 13.99 -0.48 6.05
C LYS B 116 14.92 0.70 6.38
N ASP B 117 14.33 1.77 6.90
CA ASP B 117 15.13 2.88 7.39
C ASP B 117 16.04 2.41 8.53
N ASP B 118 17.31 2.85 8.49
CA ASP B 118 18.35 2.59 9.48
C ASP B 118 18.70 1.11 9.62
N SER B 119 18.28 0.28 8.67
CA SER B 119 18.50 -1.15 8.76
C SER B 119 19.97 -1.51 8.58
N ASN B 120 20.68 -0.80 7.69
CA ASN B 120 22.09 -1.09 7.36
C ASN B 120 22.23 -2.48 6.73
N GLU B 121 21.25 -2.86 5.93
CA GLU B 121 21.26 -4.17 5.30
C GLU B 121 22.41 -4.28 4.31
N THR B 122 23.06 -5.43 4.29
CA THR B 122 24.07 -5.69 3.27
C THR B 122 23.37 -5.94 1.94
N CYS B 123 23.72 -5.15 0.93
CA CYS B 123 23.12 -5.26 -0.38
C CYS B 123 24.19 -5.56 -1.42
N THR B 124 23.76 -6.20 -2.51
CA THR B 124 24.63 -6.48 -3.63
C THR B 124 24.37 -5.46 -4.73
N ILE B 125 25.43 -4.79 -5.19
CA ILE B 125 25.29 -3.72 -6.15
C ILE B 125 26.03 -4.11 -7.41
N MET B 126 25.34 -4.06 -8.54
CA MET B 126 25.95 -4.37 -9.82
C MET B 126 26.32 -3.07 -10.51
N LEU B 127 27.61 -2.86 -10.74
CA LEU B 127 28.11 -1.64 -11.35
C LEU B 127 28.43 -1.87 -12.82
N PHE B 128 27.98 -0.95 -13.66
CA PHE B 128 28.29 -0.91 -15.08
C PHE B 128 29.05 0.38 -15.34
N ASN B 129 30.33 0.27 -15.72
CA ASN B 129 31.19 1.43 -15.93
C ASN B 129 31.16 2.32 -14.70
N GLY B 130 31.17 1.69 -13.52
CA GLY B 130 31.15 2.40 -12.26
C GLY B 130 29.81 2.90 -11.80
N VAL B 131 28.78 2.86 -12.65
CA VAL B 131 27.47 3.41 -12.34
C VAL B 131 26.55 2.27 -11.89
N PRO B 132 25.79 2.42 -10.81
CA PRO B 132 24.87 1.34 -10.40
C PRO B 132 23.86 1.03 -11.50
N LEU B 133 23.73 -0.26 -11.80
CA LEU B 133 22.80 -0.76 -12.80
C LEU B 133 21.65 -1.55 -12.20
N ASN B 134 21.95 -2.43 -11.24
CA ASN B 134 20.98 -3.22 -10.49
C ASN B 134 21.43 -3.29 -9.04
N VAL B 135 20.48 -3.42 -8.13
CA VAL B 135 20.73 -3.61 -6.71
C VAL B 135 19.82 -4.73 -6.19
N ASN B 136 20.35 -5.56 -5.30
CA ASN B 136 19.58 -6.60 -4.63
C ASN B 136 19.63 -6.46 -3.11
N ALA B 137 18.46 -6.51 -2.49
CA ALA B 137 18.34 -6.58 -1.06
C ALA B 137 18.83 -7.95 -0.58
N PRO B 138 19.03 -8.14 0.72
CA PRO B 138 19.37 -9.49 1.19
C PRO B 138 18.21 -10.44 0.87
N ASN B 139 18.54 -11.74 0.81
CA ASN B 139 17.53 -12.77 0.56
C ASN B 139 16.37 -12.66 1.56
N PHE B 140 16.67 -12.37 2.81
CA PHE B 140 15.67 -12.32 3.86
C PHE B 140 15.77 -11.03 4.65
N VAL B 141 14.63 -10.41 4.90
CA VAL B 141 14.60 -9.24 5.77
C VAL B 141 13.44 -9.42 6.75
N VAL B 142 13.53 -8.69 7.86
CA VAL B 142 12.50 -8.67 8.87
C VAL B 142 11.91 -7.28 8.87
N LEU B 143 10.61 -7.19 8.57
CA LEU B 143 9.97 -5.90 8.45
C LEU B 143 8.69 -5.88 9.29
N LYS B 144 8.33 -4.68 9.71
CA LYS B 144 7.17 -4.48 10.55
C LYS B 144 5.92 -4.31 9.68
N VAL B 145 4.84 -4.98 10.08
CA VAL B 145 3.52 -4.78 9.49
C VAL B 145 2.93 -3.49 10.04
N VAL B 146 2.56 -2.58 9.14
CA VAL B 146 1.96 -1.33 9.55
C VAL B 146 0.45 -1.28 9.28
N GLU B 147 -0.03 -1.98 8.26
CA GLU B 147 -1.43 -1.92 7.87
C GLU B 147 -1.89 -3.32 7.46
N THR B 148 -2.92 -3.84 8.13
CA THR B 148 -3.53 -5.13 7.86
C THR B 148 -4.83 -5.20 8.65
N ASP B 149 -5.77 -6.03 8.18
CA ASP B 149 -7.00 -6.03 8.97
C ASP B 149 -6.94 -7.11 10.05
N PRO B 150 -7.84 -7.05 11.05
CA PRO B 150 -7.84 -8.06 12.13
C PRO B 150 -7.78 -9.51 11.66
N GLY B 151 -8.42 -9.85 10.55
CA GLY B 151 -8.33 -11.21 10.03
C GLY B 151 -9.62 -12.01 10.09
N VAL B 152 -10.77 -11.34 9.99
CA VAL B 152 -12.06 -12.00 10.01
C VAL B 152 -12.20 -12.93 8.82
N GLY B 161 -4.91 -16.57 3.92
CA GLY B 161 -4.17 -15.40 4.39
C GLY B 161 -4.85 -14.07 4.12
N LYS B 162 -4.12 -12.98 4.26
CA LYS B 162 -4.67 -11.63 4.10
C LYS B 162 -3.55 -10.69 3.68
N PRO B 163 -3.89 -9.61 2.96
CA PRO B 163 -2.83 -8.66 2.57
C PRO B 163 -2.33 -7.86 3.75
N ALA B 164 -1.05 -7.54 3.69
CA ALA B 164 -0.43 -6.72 4.71
C ALA B 164 0.51 -5.72 4.06
N LYS B 165 0.43 -4.47 4.50
CA LYS B 165 1.38 -3.45 4.07
C LYS B 165 2.49 -3.39 5.13
N LEU B 166 3.72 -3.61 4.71
CA LEU B 166 4.89 -3.52 5.58
C LEU B 166 5.39 -2.05 5.66
N GLU B 167 6.31 -1.80 6.60
CA GLU B 167 6.71 -0.43 6.88
C GLU B 167 7.40 0.25 5.69
N THR B 168 7.95 -0.50 4.76
CA THR B 168 8.56 0.05 3.56
C THR B 168 7.57 0.33 2.44
N GLY B 169 6.28 0.06 2.64
CA GLY B 169 5.31 0.13 1.56
C GLY B 169 5.09 -1.18 0.81
N ALA B 170 5.98 -2.16 0.99
CA ALA B 170 5.78 -3.46 0.36
C ALA B 170 4.50 -4.12 0.86
N VAL B 171 3.83 -4.84 -0.03
CA VAL B 171 2.60 -5.56 0.29
C VAL B 171 2.87 -7.04 0.16
N VAL B 172 2.47 -7.82 1.16
CA VAL B 172 2.61 -9.27 1.14
C VAL B 172 1.37 -9.88 1.75
N ARG B 173 1.15 -11.16 1.43
CA ARG B 173 0.10 -11.95 2.07
C ARG B 173 0.64 -12.51 3.37
N VAL B 174 -0.11 -12.37 4.46
CA VAL B 174 0.29 -12.92 5.75
C VAL B 174 -0.83 -13.82 6.25
N PRO B 175 -0.50 -14.79 7.11
CA PRO B 175 -1.55 -15.60 7.75
C PRO B 175 -2.48 -14.71 8.57
N LEU B 176 -3.69 -15.22 8.77
CA LEU B 176 -4.74 -14.43 9.41
C LEU B 176 -4.35 -13.94 10.80
N PHE B 177 -3.49 -14.68 11.52
CA PHE B 177 -3.19 -14.32 12.90
C PHE B 177 -2.23 -13.13 13.01
N VAL B 178 -1.47 -12.81 11.96
CA VAL B 178 -0.55 -11.67 12.02
C VAL B 178 -1.33 -10.37 12.20
N GLN B 179 -0.83 -9.51 13.08
CA GLN B 179 -1.51 -8.27 13.44
C GLN B 179 -0.60 -7.07 13.16
N GLN B 180 -1.20 -5.89 13.15
CA GLN B 180 -0.44 -4.66 12.99
C GLN B 180 0.62 -4.54 14.08
N GLU B 181 1.74 -3.91 13.70
CA GLU B 181 2.88 -3.61 14.56
C GLU B 181 3.70 -4.86 14.92
N GLU B 182 3.19 -6.05 14.61
CA GLU B 182 4.05 -7.23 14.62
C GLU B 182 4.97 -7.24 13.40
N SER B 183 6.08 -7.99 13.51
CA SER B 183 7.11 -8.04 12.49
C SER B 183 7.10 -9.40 11.81
N VAL B 184 7.40 -9.41 10.53
CA VAL B 184 7.44 -10.65 9.77
C VAL B 184 8.76 -10.73 9.02
N ARG B 185 9.16 -11.96 8.78
CA ARG B 185 10.36 -12.29 8.04
C ARG B 185 9.93 -12.66 6.63
N VAL B 186 10.57 -12.05 5.62
CA VAL B 186 10.15 -12.15 4.22
C VAL B 186 11.30 -12.64 3.35
N ASP B 187 10.96 -13.46 2.35
CA ASP B 187 11.90 -13.85 1.31
C ASP B 187 11.82 -12.78 0.22
N THR B 188 12.90 -12.01 0.04
CA THR B 188 12.81 -10.88 -0.89
C THR B 188 12.79 -11.34 -2.34
N ARG B 189 13.35 -12.50 -2.67
CA ARG B 189 13.30 -12.99 -4.05
C ARG B 189 11.86 -13.24 -4.49
N THR B 190 11.05 -13.88 -3.66
CA THR B 190 9.67 -14.19 -4.05
C THR B 190 8.64 -13.20 -3.51
N GLY B 191 9.04 -12.29 -2.61
CA GLY B 191 8.07 -11.40 -1.95
C GLY B 191 7.08 -12.14 -1.08
N GLU B 192 7.51 -13.22 -0.43
CA GLU B 192 6.60 -14.06 0.33
C GLU B 192 6.96 -14.07 1.81
N TYR B 193 5.91 -14.01 2.64
CA TYR B 193 6.02 -14.25 4.06
C TYR B 193 6.67 -15.61 4.33
N LEU B 194 7.50 -15.64 5.36
CA LEU B 194 8.07 -16.89 5.82
C LEU B 194 7.57 -17.27 7.20
N GLU B 195 7.67 -16.36 8.16
CA GLU B 195 7.40 -16.67 9.55
C GLU B 195 7.23 -15.35 10.29
N ARG B 196 6.65 -15.43 11.48
CA ARG B 196 6.61 -14.27 12.35
C ARG B 196 8.02 -14.02 12.90
N ALA B 197 8.25 -12.79 13.36
CA ALA B 197 9.56 -12.45 13.93
C ALA B 197 9.45 -12.26 15.43
#